data_1P9N
#
_entry.id   1P9N
#
_cell.length_a   239.001
_cell.length_b   239.001
_cell.length_c   49.046
_cell.angle_alpha   90.00
_cell.angle_beta   90.00
_cell.angle_gamma   120.00
#
_symmetry.space_group_name_H-M   'P 64 2 2'
#
loop_
_entity.id
_entity.type
_entity.pdbx_description
1 polymer 'Molybdopterin-guanine dinucleotide biosynthesis protein B'
2 non-polymer 'SULFATE ION'
3 water water
#
_entity_poly.entity_id   1
_entity_poly.type   'polypeptide(L)'
_entity_poly.pdbx_seq_one_letter_code
;(MSE)IPLLAFAAWSGTGKTTLLKKLIPALCARGIRPGLIKHTHHD(MSE)DVDKPGKDSYELRKAGAAQTIVASQQRWA
L(MSE)TETPDEEELDLQFLASR(MSE)DTSKLDLILVEGFKHEEIAKIVLFRDGAGHRPEELVIDRHVIAVASDVPLNL
DVALLDINDVEGLADFVVEW(MSE)QKQNG
;
_entity_poly.pdbx_strand_id   A,B
#
loop_
_chem_comp.id
_chem_comp.type
_chem_comp.name
_chem_comp.formula
SO4 non-polymer 'SULFATE ION' 'O4 S -2'
#
# COMPACT_ATOMS: atom_id res chain seq x y z
N MSE A 1 17.81 1.83 15.43
CA MSE A 1 17.03 0.58 15.17
C MSE A 1 15.73 0.93 14.44
O MSE A 1 15.76 1.34 13.28
CB MSE A 1 16.72 -0.14 16.49
CG MSE A 1 16.54 -1.68 16.40
SE MSE A 1 16.56 -2.59 18.22
CE MSE A 1 14.64 -3.11 18.35
N ILE A 2 14.61 0.78 15.14
CA ILE A 2 13.23 1.04 14.68
C ILE A 2 12.38 -0.15 15.10
N PRO A 3 12.21 -0.35 16.41
CA PRO A 3 11.46 -1.41 17.08
C PRO A 3 10.10 -1.81 16.56
N LEU A 4 9.77 -3.08 16.80
CA LEU A 4 8.49 -3.68 16.43
C LEU A 4 7.92 -4.20 17.74
N LEU A 5 6.71 -3.76 18.07
CA LEU A 5 6.08 -4.19 19.31
C LEU A 5 4.67 -4.64 18.98
N ALA A 6 4.32 -5.83 19.45
CA ALA A 6 3.00 -6.39 19.20
C ALA A 6 2.03 -6.41 20.40
N PHE A 7 0.75 -6.46 20.09
CA PHE A 7 -0.30 -6.55 21.10
C PHE A 7 -1.14 -7.80 20.87
N ALA A 8 -0.90 -8.82 21.69
CA ALA A 8 -1.62 -10.08 21.61
C ALA A 8 -2.90 -9.94 22.42
N ALA A 9 -3.79 -10.93 22.37
CA ALA A 9 -5.04 -10.83 23.13
C ALA A 9 -5.96 -12.06 23.08
N TRP A 10 -7.20 -11.83 22.66
CA TRP A 10 -8.26 -12.82 22.52
C TRP A 10 -9.33 -11.93 21.89
N SER A 11 -10.27 -12.52 21.18
CA SER A 11 -11.33 -11.73 20.56
C SER A 11 -12.08 -11.10 21.71
N GLY A 12 -12.55 -9.88 21.52
CA GLY A 12 -13.31 -9.21 22.56
C GLY A 12 -12.49 -8.87 23.80
N THR A 13 -11.69 -7.82 23.70
CA THR A 13 -10.88 -7.39 24.80
C THR A 13 -10.53 -5.94 24.50
N GLY A 14 -11.10 -5.43 23.41
CA GLY A 14 -10.90 -4.06 23.00
C GLY A 14 -9.52 -3.77 22.45
N LYS A 15 -8.93 -4.74 21.78
CA LYS A 15 -7.59 -4.59 21.21
C LYS A 15 -7.56 -3.39 20.26
N THR A 16 -8.51 -3.36 19.33
CA THR A 16 -8.58 -2.26 18.38
C THR A 16 -8.79 -0.96 19.16
N THR A 17 -9.78 -0.99 20.05
CA THR A 17 -10.11 0.18 20.86
C THR A 17 -8.91 0.77 21.60
N LEU A 18 -8.22 -0.06 22.37
CA LEU A 18 -7.07 0.42 23.12
C LEU A 18 -6.08 1.15 22.22
N LEU A 19 -5.92 0.69 20.99
CA LEU A 19 -4.96 1.33 20.09
C LEU A 19 -5.44 2.65 19.51
N LYS A 20 -6.74 2.91 19.60
CA LYS A 20 -7.27 4.17 19.10
C LYS A 20 -6.87 5.25 20.08
N LYS A 21 -6.62 4.84 21.32
CA LYS A 21 -6.22 5.75 22.40
C LYS A 21 -4.73 5.77 22.57
N LEU A 22 -4.12 4.60 22.46
CA LEU A 22 -2.69 4.48 22.62
C LEU A 22 -1.91 5.19 21.52
N ILE A 23 -2.47 5.26 20.31
CA ILE A 23 -1.79 5.90 19.19
C ILE A 23 -1.56 7.38 19.50
N PRO A 24 -2.63 8.11 19.81
CA PRO A 24 -2.54 9.55 20.13
C PRO A 24 -1.53 9.79 21.25
N ALA A 25 -1.66 9.00 22.31
CA ALA A 25 -0.77 9.11 23.43
C ALA A 25 0.67 9.06 22.95
N LEU A 26 1.02 8.04 22.19
CA LEU A 26 2.39 7.92 21.70
C LEU A 26 2.78 9.15 20.89
N CYS A 27 1.80 9.72 20.20
CA CYS A 27 2.07 10.90 19.39
C CYS A 27 2.40 12.07 20.27
N ALA A 28 1.62 12.23 21.33
CA ALA A 28 1.80 13.32 22.29
C ALA A 28 3.23 13.29 22.85
N ARG A 29 3.76 12.10 23.11
CA ARG A 29 5.13 11.97 23.61
C ARG A 29 6.20 12.14 22.55
N GLY A 30 5.79 12.53 21.34
CA GLY A 30 6.76 12.70 20.26
C GLY A 30 7.17 11.40 19.59
N ILE A 31 6.33 10.38 19.69
CA ILE A 31 6.63 9.09 19.07
C ILE A 31 5.77 8.87 17.83
N ARG A 32 6.41 8.82 16.66
CA ARG A 32 5.71 8.61 15.42
C ARG A 32 5.54 7.11 15.22
N PRO A 33 4.29 6.63 15.25
CA PRO A 33 3.93 5.22 15.10
C PRO A 33 3.39 4.71 13.77
N GLY A 34 3.85 3.52 13.40
CA GLY A 34 3.39 2.84 12.20
C GLY A 34 2.63 1.61 12.68
N LEU A 35 1.44 1.37 12.16
CA LEU A 35 0.64 0.22 12.56
C LEU A 35 0.53 -0.88 11.47
N ILE A 36 0.96 -2.11 11.78
CA ILE A 36 0.87 -3.24 10.84
C ILE A 36 -0.25 -4.14 11.36
N LYS A 37 -1.36 -4.22 10.64
CA LYS A 37 -2.51 -5.01 11.05
C LYS A 37 -2.93 -6.13 10.09
N HIS A 38 -3.36 -7.27 10.63
CA HIS A 38 -3.80 -8.40 9.81
C HIS A 38 -5.26 -8.68 10.10
N THR A 39 -5.97 -9.22 9.12
CA THR A 39 -7.38 -9.53 9.33
C THR A 39 -7.83 -10.62 8.38
N HIS A 40 -8.29 -11.73 8.94
CA HIS A 40 -8.78 -12.82 8.11
C HIS A 40 -10.00 -12.29 7.39
N HIS A 41 -10.35 -11.04 7.70
CA HIS A 41 -11.48 -10.35 7.09
C HIS A 41 -10.96 -9.64 5.85
N ASP A 42 -11.41 -10.07 4.68
CA ASP A 42 -10.98 -9.47 3.43
C ASP A 42 -11.48 -8.02 3.35
N MSE A 43 -10.55 -7.07 3.26
CA MSE A 43 -10.86 -5.65 3.17
C MSE A 43 -11.64 -5.28 1.91
O MSE A 43 -11.40 -4.23 1.32
CB MSE A 43 -9.56 -4.83 3.21
CG MSE A 43 -8.60 -5.22 2.10
SE MSE A 43 -6.79 -5.59 2.73
CE MSE A 43 -5.90 -3.96 2.20
N ASP A 51 -11.90 1.55 -6.64
CA ASP A 51 -10.68 2.31 -6.44
C ASP A 51 -9.57 1.69 -7.27
N SER A 52 -9.75 1.67 -8.59
CA SER A 52 -8.74 1.09 -9.50
C SER A 52 -8.68 -0.40 -9.20
N TYR A 53 -9.83 -0.96 -8.84
CA TYR A 53 -9.98 -2.37 -8.49
C TYR A 53 -9.87 -3.24 -9.71
N GLU A 54 -10.50 -2.78 -10.79
CA GLU A 54 -10.51 -3.51 -12.05
C GLU A 54 -9.12 -3.85 -12.58
N LEU A 55 -8.26 -2.85 -12.68
CA LEU A 55 -6.91 -3.05 -13.19
C LEU A 55 -6.02 -3.90 -12.30
N ARG A 56 -6.48 -4.19 -11.10
CA ARG A 56 -5.67 -4.99 -10.19
C ARG A 56 -6.01 -6.46 -10.35
N LYS A 57 -7.29 -6.79 -10.22
CA LYS A 57 -7.72 -8.17 -10.39
C LYS A 57 -7.55 -8.51 -11.86
N ALA A 58 -7.25 -7.50 -12.67
CA ALA A 58 -7.04 -7.67 -14.09
C ALA A 58 -5.63 -8.16 -14.39
N GLY A 59 -4.68 -7.78 -13.53
CA GLY A 59 -3.31 -8.23 -13.74
C GLY A 59 -2.19 -7.34 -13.23
N ALA A 60 -2.55 -6.25 -12.56
CA ALA A 60 -1.56 -5.33 -12.02
C ALA A 60 -1.23 -5.76 -10.60
N ALA A 61 -0.30 -6.69 -10.48
CA ALA A 61 0.10 -7.23 -9.19
C ALA A 61 0.30 -6.13 -8.13
N GLN A 62 0.78 -4.97 -8.58
CA GLN A 62 1.03 -3.87 -7.68
C GLN A 62 0.53 -2.56 -8.28
N THR A 63 -0.55 -2.06 -7.70
CA THR A 63 -1.15 -0.80 -8.13
C THR A 63 -0.93 0.22 -7.00
N ILE A 64 -0.37 1.38 -7.31
CA ILE A 64 -0.14 2.40 -6.28
C ILE A 64 -0.81 3.73 -6.65
N VAL A 65 -1.96 3.97 -6.02
CA VAL A 65 -2.77 5.17 -6.24
C VAL A 65 -2.31 6.41 -5.46
N ALA A 66 -1.62 7.32 -6.14
CA ALA A 66 -1.13 8.55 -5.51
C ALA A 66 -2.24 9.59 -5.38
N SER A 67 -1.91 10.68 -4.71
CA SER A 67 -2.86 11.75 -4.47
C SER A 67 -2.08 12.95 -3.97
N GLN A 68 -2.72 13.82 -3.20
CA GLN A 68 -2.05 15.00 -2.68
C GLN A 68 -1.82 14.84 -1.17
N GLN A 69 -2.83 14.30 -0.50
CA GLN A 69 -2.80 14.07 0.95
C GLN A 69 -2.05 12.79 1.35
N ARG A 70 -2.16 11.75 0.52
CA ARG A 70 -1.49 10.47 0.78
C ARG A 70 -1.56 9.51 -0.42
N TRP A 71 -0.85 8.39 -0.30
CA TRP A 71 -0.79 7.37 -1.35
C TRP A 71 -0.76 5.92 -0.82
N ALA A 72 -1.38 5.02 -1.58
CA ALA A 72 -1.47 3.62 -1.19
C ALA A 72 -0.86 2.64 -2.19
N LEU A 73 0.01 1.76 -1.71
CA LEU A 73 0.60 0.75 -2.57
C LEU A 73 -0.17 -0.54 -2.31
N MSE A 74 -1.10 -0.91 -3.19
CA MSE A 74 -1.88 -2.13 -3.00
C MSE A 74 -1.30 -3.32 -3.76
O MSE A 74 -1.24 -3.32 -4.98
CB MSE A 74 -3.31 -1.86 -3.44
CG MSE A 74 -3.90 -0.67 -2.70
SE MSE A 74 -5.12 0.42 -3.77
CE MSE A 74 -6.79 -0.36 -3.14
N THR A 75 -0.89 -4.34 -3.00
CA THR A 75 -0.29 -5.53 -3.58
C THR A 75 -1.21 -6.76 -3.52
N GLU A 76 -1.31 -7.49 -4.64
CA GLU A 76 -2.13 -8.71 -4.69
C GLU A 76 -1.19 -9.90 -4.46
N THR A 77 -1.69 -10.93 -3.81
CA THR A 77 -0.87 -12.12 -3.53
C THR A 77 -1.75 -13.35 -3.60
N PRO A 78 -2.10 -13.80 -4.81
CA PRO A 78 -2.95 -14.98 -5.01
C PRO A 78 -2.22 -16.31 -4.97
N ASP A 79 -1.07 -16.34 -4.32
CA ASP A 79 -0.31 -17.58 -4.22
C ASP A 79 0.02 -17.79 -2.76
N GLU A 80 0.89 -16.93 -2.27
CA GLU A 80 1.37 -16.97 -0.91
C GLU A 80 0.85 -15.72 -0.23
N GLU A 81 0.06 -15.87 0.84
CA GLU A 81 -0.40 -14.67 1.53
C GLU A 81 0.82 -14.23 2.34
N GLU A 82 1.02 -12.91 2.43
CA GLU A 82 2.16 -12.34 3.16
C GLU A 82 2.03 -12.44 4.66
N LEU A 83 2.93 -13.16 5.30
CA LEU A 83 2.90 -13.31 6.75
C LEU A 83 4.25 -13.07 7.36
N ASP A 84 5.15 -12.47 6.61
CA ASP A 84 6.46 -12.18 7.12
C ASP A 84 6.43 -10.73 7.66
N LEU A 85 6.34 -10.56 8.98
CA LEU A 85 6.30 -9.21 9.55
C LEU A 85 7.54 -8.45 9.13
N GLN A 86 8.70 -9.10 9.18
CA GLN A 86 9.93 -8.43 8.78
C GLN A 86 9.84 -7.86 7.38
N PHE A 87 9.09 -8.52 6.50
CA PHE A 87 8.93 -8.06 5.13
C PHE A 87 8.02 -6.84 5.12
N LEU A 88 6.79 -7.02 5.56
CA LEU A 88 5.80 -5.95 5.62
C LEU A 88 6.32 -4.68 6.31
N ALA A 89 7.22 -4.85 7.28
CA ALA A 89 7.80 -3.71 7.98
C ALA A 89 8.81 -3.02 7.08
N SER A 90 9.63 -3.81 6.39
CA SER A 90 10.65 -3.28 5.50
C SER A 90 10.02 -2.57 4.31
N ARG A 91 8.70 -2.65 4.23
CA ARG A 91 7.94 -2.03 3.16
C ARG A 91 7.57 -0.60 3.53
N MSE A 92 7.71 -0.27 4.81
CA MSE A 92 7.39 1.07 5.30
C MSE A 92 8.57 1.98 5.23
O MSE A 92 9.73 1.55 5.18
CB MSE A 92 6.90 1.02 6.76
CG MSE A 92 5.41 0.75 6.87
SE MSE A 92 4.88 0.16 8.61
CE MSE A 92 6.57 -0.70 9.06
N ASP A 93 8.27 3.27 5.22
CA ASP A 93 9.31 4.27 5.15
C ASP A 93 9.79 4.63 6.57
N THR A 94 10.79 3.89 7.06
CA THR A 94 11.32 4.15 8.39
C THR A 94 12.34 5.28 8.34
N SER A 95 11.82 6.49 8.30
CA SER A 95 12.63 7.69 8.29
C SER A 95 11.64 8.75 8.70
N LYS A 96 10.45 8.27 9.06
CA LYS A 96 9.35 9.10 9.51
C LYS A 96 8.58 8.26 10.54
N LEU A 97 9.25 7.22 11.02
CA LEU A 97 8.69 6.30 12.02
C LEU A 97 9.75 5.92 13.08
N ASP A 98 9.31 5.82 14.33
CA ASP A 98 10.21 5.46 15.44
C ASP A 98 9.77 4.15 16.08
N LEU A 99 8.51 3.79 15.87
CA LEU A 99 7.94 2.57 16.45
C LEU A 99 6.90 1.95 15.50
N ILE A 100 6.89 0.62 15.39
CA ILE A 100 5.91 -0.03 14.55
C ILE A 100 5.11 -0.99 15.40
N LEU A 101 3.81 -0.74 15.49
CA LEU A 101 2.92 -1.58 16.26
C LEU A 101 2.43 -2.71 15.39
N VAL A 102 2.50 -3.93 15.90
CA VAL A 102 2.08 -5.14 15.18
C VAL A 102 0.84 -5.72 15.86
N GLU A 103 -0.25 -5.86 15.11
CA GLU A 103 -1.50 -6.38 15.66
C GLU A 103 -2.25 -7.27 14.69
N GLY A 104 -2.82 -8.35 15.21
CA GLY A 104 -3.60 -9.24 14.37
C GLY A 104 -2.96 -10.50 13.82
N PHE A 105 -1.67 -10.67 14.05
CA PHE A 105 -0.99 -11.84 13.56
C PHE A 105 -0.87 -12.90 14.62
N LYS A 106 -1.71 -13.93 14.59
CA LYS A 106 -1.61 -15.00 15.59
C LYS A 106 -0.31 -15.73 15.39
N HIS A 107 0.23 -16.22 16.48
CA HIS A 107 1.46 -16.96 16.42
C HIS A 107 2.58 -16.30 15.67
N GLU A 108 3.33 -15.47 16.38
CA GLU A 108 4.45 -14.75 15.81
C GLU A 108 5.43 -14.65 16.97
N GLU A 109 6.64 -14.16 16.76
CA GLU A 109 7.54 -14.10 17.89
C GLU A 109 8.38 -12.84 18.05
N ILE A 110 7.72 -11.73 18.38
CA ILE A 110 8.38 -10.45 18.60
C ILE A 110 8.08 -9.88 19.98
N ALA A 111 8.58 -8.66 20.24
CA ALA A 111 8.34 -7.98 21.52
C ALA A 111 6.84 -8.02 21.66
N LYS A 112 6.34 -8.33 22.85
CA LYS A 112 4.90 -8.46 22.99
C LYS A 112 4.25 -8.09 24.32
N ILE A 113 3.11 -7.42 24.25
CA ILE A 113 2.35 -7.05 25.42
C ILE A 113 1.03 -7.75 25.23
N VAL A 114 0.63 -8.52 26.23
CA VAL A 114 -0.62 -9.27 26.21
C VAL A 114 -1.75 -8.45 26.81
N LEU A 115 -2.98 -8.71 26.39
CA LEU A 115 -4.14 -8.01 26.94
C LEU A 115 -5.04 -8.97 27.67
N PHE A 116 -5.80 -8.47 28.64
CA PHE A 116 -6.71 -9.31 29.38
C PHE A 116 -7.78 -8.48 30.08
N ARG A 117 -8.97 -9.05 30.19
CA ARG A 117 -10.09 -8.42 30.85
C ARG A 117 -11.00 -9.49 31.41
N ASP A 118 -11.05 -9.54 32.73
CA ASP A 118 -11.86 -10.50 33.45
C ASP A 118 -13.26 -10.44 32.83
N GLY A 119 -13.90 -11.60 32.68
CA GLY A 119 -15.23 -11.64 32.12
C GLY A 119 -15.38 -11.78 30.60
N ALA A 120 -14.26 -11.72 29.87
CA ALA A 120 -14.29 -11.85 28.42
C ALA A 120 -14.28 -13.31 27.98
N GLY A 121 -14.92 -14.18 28.77
CA GLY A 121 -14.99 -15.59 28.44
C GLY A 121 -13.75 -16.42 28.69
N HIS A 122 -12.71 -15.83 29.30
CA HIS A 122 -11.46 -16.53 29.60
C HIS A 122 -10.96 -16.22 31.01
N ARG A 123 -10.46 -17.23 31.71
CA ARG A 123 -9.92 -16.99 33.03
C ARG A 123 -8.43 -16.77 32.77
N PRO A 124 -7.75 -16.02 33.65
CA PRO A 124 -6.31 -15.74 33.51
C PRO A 124 -5.32 -16.90 33.38
N GLU A 125 -5.54 -17.99 34.11
CA GLU A 125 -4.63 -19.13 34.05
C GLU A 125 -4.37 -19.51 32.59
N GLU A 126 -5.35 -19.26 31.74
CA GLU A 126 -5.27 -19.54 30.33
C GLU A 126 -4.30 -18.63 29.57
N LEU A 127 -3.55 -17.81 30.29
CA LEU A 127 -2.61 -16.91 29.64
C LEU A 127 -1.26 -17.58 29.54
N VAL A 128 -0.55 -17.33 28.44
CA VAL A 128 0.78 -17.92 28.26
C VAL A 128 1.81 -16.80 28.24
N ILE A 129 2.77 -16.86 29.14
CA ILE A 129 3.78 -15.81 29.18
C ILE A 129 5.09 -16.30 28.54
N ASP A 130 5.12 -16.22 27.22
CA ASP A 130 6.26 -16.68 26.46
C ASP A 130 7.44 -15.72 26.48
N ARG A 131 8.60 -16.25 26.10
CA ARG A 131 9.85 -15.52 26.03
C ARG A 131 9.70 -14.10 25.51
N HIS A 132 8.65 -13.82 24.75
CA HIS A 132 8.48 -12.48 24.14
C HIS A 132 7.50 -11.53 24.81
N VAL A 133 6.94 -11.96 25.93
CA VAL A 133 6.01 -11.12 26.67
C VAL A 133 6.77 -10.09 27.54
N ILE A 134 6.62 -8.79 27.23
CA ILE A 134 7.30 -7.74 27.99
C ILE A 134 6.39 -7.18 29.10
N ALA A 135 5.11 -7.51 29.05
CA ALA A 135 4.15 -7.07 30.05
C ALA A 135 2.74 -7.55 29.71
N VAL A 136 1.92 -7.81 30.72
CA VAL A 136 0.53 -8.20 30.50
C VAL A 136 -0.20 -6.95 30.94
N ALA A 137 -1.25 -6.57 30.23
CA ALA A 137 -2.03 -5.40 30.59
C ALA A 137 -3.44 -5.86 30.90
N SER A 138 -3.73 -5.95 32.19
CA SER A 138 -5.02 -6.39 32.64
C SER A 138 -5.85 -5.23 33.14
N ASP A 139 -7.11 -5.51 33.47
CA ASP A 139 -8.02 -4.53 34.00
C ASP A 139 -8.23 -4.93 35.45
N VAL A 140 -7.37 -5.82 35.92
CA VAL A 140 -7.48 -6.38 37.26
C VAL A 140 -6.16 -7.00 37.71
N PRO A 141 -5.87 -6.94 39.02
CA PRO A 141 -4.60 -7.53 39.44
C PRO A 141 -4.55 -9.01 39.12
N LEU A 142 -3.36 -9.52 38.83
CA LEU A 142 -3.18 -10.94 38.50
C LEU A 142 -1.89 -11.39 39.13
N ASN A 143 -1.88 -12.56 39.75
CA ASN A 143 -0.63 -12.98 40.37
C ASN A 143 0.33 -13.71 39.44
N LEU A 144 1.16 -12.93 38.76
CA LEU A 144 2.16 -13.50 37.86
C LEU A 144 3.37 -12.57 37.80
N ASP A 145 4.55 -13.14 37.54
CA ASP A 145 5.80 -12.39 37.51
C ASP A 145 6.18 -11.74 36.18
N VAL A 146 5.55 -10.62 35.87
CA VAL A 146 5.87 -9.89 34.65
C VAL A 146 5.16 -8.55 34.71
N ALA A 147 5.87 -7.50 34.33
CA ALA A 147 5.30 -6.17 34.37
C ALA A 147 3.79 -6.20 34.20
N LEU A 148 3.05 -6.03 35.28
CA LEU A 148 1.59 -6.04 35.19
C LEU A 148 1.10 -4.60 35.16
N LEU A 149 0.49 -4.18 34.05
CA LEU A 149 -0.01 -2.83 33.89
C LEU A 149 -1.53 -2.77 33.86
N ASP A 150 -2.07 -1.61 34.18
CA ASP A 150 -3.51 -1.41 34.19
C ASP A 150 -3.94 -1.06 32.77
N ILE A 151 -4.79 -1.92 32.21
CA ILE A 151 -5.25 -1.76 30.85
C ILE A 151 -6.09 -0.52 30.61
N ASN A 152 -6.63 0.08 31.66
CA ASN A 152 -7.42 1.27 31.42
C ASN A 152 -6.72 2.60 31.60
N ASP A 153 -5.43 2.53 31.92
CA ASP A 153 -4.63 3.74 32.09
C ASP A 153 -3.69 3.88 30.87
N VAL A 154 -4.24 4.45 29.80
CA VAL A 154 -3.47 4.60 28.56
C VAL A 154 -2.17 5.37 28.72
N GLU A 155 -2.25 6.58 29.28
CA GLU A 155 -1.05 7.37 29.47
C GLU A 155 -0.06 6.55 30.28
N GLY A 156 -0.57 5.73 31.20
CA GLY A 156 0.32 4.91 32.01
C GLY A 156 1.02 3.91 31.11
N LEU A 157 0.21 3.36 30.22
CA LEU A 157 0.67 2.40 29.24
C LEU A 157 1.73 3.05 28.35
N ALA A 158 1.36 4.15 27.72
CA ALA A 158 2.27 4.86 26.83
C ALA A 158 3.65 5.01 27.42
N ASP A 159 3.70 5.45 28.67
CA ASP A 159 4.98 5.68 29.34
C ASP A 159 5.81 4.42 29.33
N PHE A 160 5.18 3.30 29.66
CA PHE A 160 5.86 2.02 29.67
C PHE A 160 6.47 1.75 28.31
N VAL A 161 5.67 1.88 27.25
CA VAL A 161 6.17 1.64 25.90
C VAL A 161 7.43 2.46 25.67
N VAL A 162 7.25 3.77 25.76
CA VAL A 162 8.32 4.73 25.57
C VAL A 162 9.59 4.34 26.31
N GLU A 163 9.44 3.92 27.57
CA GLU A 163 10.58 3.49 28.37
C GLU A 163 11.17 2.25 27.74
N TRP A 164 10.28 1.29 27.44
CA TRP A 164 10.69 0.04 26.82
C TRP A 164 11.53 0.33 25.61
N MSE A 165 11.06 1.27 24.79
CA MSE A 165 11.79 1.63 23.59
C MSE A 165 13.23 2.04 23.90
O MSE A 165 14.17 1.51 23.31
CB MSE A 165 11.11 2.78 22.86
CG MSE A 165 9.75 2.45 22.29
SE MSE A 165 9.18 3.94 21.20
CE MSE A 165 10.89 4.36 20.34
N GLN A 166 13.39 2.97 24.83
CA GLN A 166 14.71 3.45 25.21
C GLN A 166 15.67 2.34 25.63
N LYS A 167 15.17 1.36 26.36
CA LYS A 167 16.03 0.27 26.78
C LYS A 167 16.46 -0.58 25.58
N GLN A 168 15.80 -0.38 24.45
CA GLN A 168 16.15 -1.13 23.24
C GLN A 168 17.05 -0.34 22.29
N ASN A 169 17.05 0.98 22.43
CA ASN A 169 17.87 1.85 21.59
C ASN A 169 19.15 2.27 22.30
N MSE B 1 17.86 -3.42 -15.29
CA MSE B 1 17.16 -2.09 -15.19
C MSE B 1 15.71 -2.24 -15.68
O MSE B 1 15.44 -3.05 -16.58
CB MSE B 1 17.89 -1.06 -16.04
CG MSE B 1 17.51 0.40 -15.75
SE MSE B 1 18.44 1.22 -14.20
CE MSE B 1 19.99 -0.03 -14.05
N ILE B 2 14.78 -1.47 -15.10
CA ILE B 2 13.36 -1.50 -15.43
C ILE B 2 12.82 -0.15 -15.91
N PRO B 3 11.96 -0.16 -16.95
CA PRO B 3 11.33 1.03 -17.55
C PRO B 3 9.90 1.38 -17.11
N LEU B 4 9.49 2.60 -17.45
CA LEU B 4 8.17 3.11 -17.12
C LEU B 4 7.52 3.70 -18.38
N LEU B 5 6.20 3.69 -18.45
CA LEU B 5 5.52 4.18 -19.64
C LEU B 5 4.15 4.81 -19.40
N ALA B 6 3.99 6.07 -19.84
CA ALA B 6 2.76 6.83 -19.67
C ALA B 6 1.61 6.37 -20.55
N PHE B 7 0.39 6.78 -20.20
CA PHE B 7 -0.80 6.43 -20.97
C PHE B 7 -1.85 7.53 -20.97
N ALA B 8 -1.51 8.62 -21.65
CA ALA B 8 -2.39 9.78 -21.78
C ALA B 8 -3.67 9.44 -22.54
N ALA B 9 -4.77 10.08 -22.15
CA ALA B 9 -6.08 9.88 -22.76
C ALA B 9 -6.97 11.03 -22.30
N TRP B 10 -7.60 11.71 -23.25
CA TRP B 10 -8.44 12.84 -22.90
C TRP B 10 -9.82 12.41 -22.42
N SER B 11 -10.39 13.24 -21.55
CA SER B 11 -11.72 13.02 -20.98
C SER B 11 -12.42 11.80 -21.52
N GLY B 12 -12.93 10.97 -20.61
CA GLY B 12 -13.67 9.79 -21.03
C GLY B 12 -13.10 8.45 -20.60
N THR B 13 -13.50 7.98 -19.42
CA THR B 13 -13.07 6.70 -18.86
C THR B 13 -12.15 5.84 -19.72
N GLY B 14 -12.59 5.52 -20.95
CA GLY B 14 -11.80 4.72 -21.88
C GLY B 14 -10.55 4.00 -21.40
N LYS B 15 -9.44 4.72 -21.27
CA LYS B 15 -8.17 4.12 -20.86
C LYS B 15 -8.29 3.08 -19.73
N THR B 16 -9.36 3.14 -18.96
CA THR B 16 -9.55 2.16 -17.88
C THR B 16 -10.19 0.90 -18.48
N THR B 17 -11.01 1.11 -19.50
CA THR B 17 -11.66 -0.01 -20.19
C THR B 17 -10.62 -0.60 -21.15
N LEU B 18 -9.72 0.26 -21.63
CA LEU B 18 -8.64 -0.13 -22.52
C LEU B 18 -7.67 -0.96 -21.68
N LEU B 19 -6.97 -0.29 -20.77
CA LEU B 19 -6.01 -0.95 -19.90
C LEU B 19 -6.56 -2.24 -19.30
N LYS B 20 -7.85 -2.24 -18.97
CA LYS B 20 -8.47 -3.43 -18.39
C LYS B 20 -8.19 -4.64 -19.26
N LYS B 21 -7.90 -4.40 -20.53
CA LYS B 21 -7.63 -5.47 -21.48
C LYS B 21 -6.17 -5.58 -21.88
N LEU B 22 -5.44 -4.47 -21.83
CA LEU B 22 -4.03 -4.49 -22.20
C LEU B 22 -3.16 -5.17 -21.13
N ILE B 23 -3.60 -5.11 -19.87
CA ILE B 23 -2.83 -5.70 -18.79
C ILE B 23 -2.65 -7.20 -19.01
N PRO B 24 -3.76 -7.96 -19.02
CA PRO B 24 -3.66 -9.42 -19.21
C PRO B 24 -2.81 -9.74 -20.44
N ALA B 25 -3.15 -9.08 -21.55
CA ALA B 25 -2.42 -9.26 -22.80
C ALA B 25 -0.94 -9.12 -22.53
N LEU B 26 -0.57 -8.23 -21.62
CA LEU B 26 0.84 -8.03 -21.32
C LEU B 26 1.38 -9.18 -20.49
N CYS B 27 0.50 -9.78 -19.68
CA CYS B 27 0.93 -10.88 -18.86
C CYS B 27 1.14 -12.00 -19.85
N ALA B 28 0.21 -12.09 -20.79
CA ALA B 28 0.25 -13.09 -21.86
C ALA B 28 1.66 -13.24 -22.43
N ARG B 29 2.30 -12.12 -22.74
CA ARG B 29 3.65 -12.19 -23.27
C ARG B 29 4.70 -12.24 -22.16
N GLY B 30 4.29 -12.77 -21.00
CA GLY B 30 5.20 -12.90 -19.88
C GLY B 30 5.70 -11.58 -19.29
N ILE B 31 4.83 -10.58 -19.25
CA ILE B 31 5.19 -9.30 -18.71
C ILE B 31 4.48 -9.06 -17.38
N ARG B 32 5.26 -8.86 -16.33
CA ARG B 32 4.73 -8.59 -15.00
C ARG B 32 4.63 -7.05 -14.86
N PRO B 33 3.41 -6.51 -15.04
CA PRO B 33 3.10 -5.08 -14.97
C PRO B 33 2.77 -4.41 -13.62
N GLY B 34 3.30 -3.21 -13.46
CA GLY B 34 3.06 -2.40 -12.28
C GLY B 34 2.35 -1.14 -12.73
N LEU B 35 1.42 -0.64 -11.93
CA LEU B 35 0.68 0.55 -12.29
C LEU B 35 0.58 1.69 -11.25
N ILE B 36 1.33 2.76 -11.50
CA ILE B 36 1.32 3.95 -10.63
C ILE B 36 0.39 5.02 -11.21
N LYS B 37 -0.83 5.06 -10.69
CA LYS B 37 -1.86 6.00 -11.14
C LYS B 37 -1.94 7.23 -10.26
N HIS B 38 -2.49 8.31 -10.80
CA HIS B 38 -2.62 9.56 -10.07
C HIS B 38 -4.04 10.05 -10.25
N THR B 39 -4.75 10.27 -9.14
CA THR B 39 -6.13 10.72 -9.23
C THR B 39 -6.28 12.10 -8.63
N HIS B 40 -7.54 12.47 -8.35
CA HIS B 40 -7.88 13.75 -7.75
C HIS B 40 -9.00 13.51 -6.74
N HIS B 41 -9.79 12.46 -6.99
CA HIS B 41 -10.93 12.10 -6.15
C HIS B 41 -10.60 11.48 -4.78
N ASP B 42 -9.33 11.52 -4.38
CA ASP B 42 -8.87 10.98 -3.09
C ASP B 42 -9.54 9.70 -2.59
N MSE B 43 -8.73 8.66 -2.40
CA MSE B 43 -9.19 7.35 -1.93
C MSE B 43 -10.62 7.38 -1.38
O MSE B 43 -11.56 6.94 -2.04
CB MSE B 43 -8.26 6.81 -0.83
CG MSE B 43 -6.90 7.49 -0.75
SE MSE B 43 -5.70 7.27 -2.27
CE MSE B 43 -5.48 5.33 -2.18
N ASP B 51 -11.55 -0.45 6.88
CA ASP B 51 -10.17 -0.85 6.60
C ASP B 51 -9.36 -0.74 7.89
N SER B 52 -9.25 0.47 8.41
CA SER B 52 -8.51 0.76 9.63
C SER B 52 -8.29 2.26 9.65
N TYR B 53 -9.08 2.94 8.82
CA TYR B 53 -9.04 4.37 8.66
C TYR B 53 -8.82 5.14 9.96
N GLU B 54 -9.68 4.92 10.96
CA GLU B 54 -9.55 5.61 12.23
C GLU B 54 -8.11 5.53 12.73
N LEU B 55 -7.64 4.30 12.97
CA LEU B 55 -6.28 4.08 13.46
C LEU B 55 -5.28 4.98 12.74
N ARG B 56 -5.64 5.45 11.56
CA ARG B 56 -4.76 6.33 10.81
C ARG B 56 -4.96 7.76 11.31
N LYS B 57 -6.20 8.25 11.25
CA LYS B 57 -6.51 9.61 11.70
C LYS B 57 -6.08 9.81 13.14
N ALA B 58 -5.90 8.71 13.86
CA ALA B 58 -5.46 8.74 15.25
C ALA B 58 -4.00 9.18 15.30
N GLY B 59 -3.21 8.79 14.31
CA GLY B 59 -1.83 9.22 14.32
C GLY B 59 -0.79 8.34 13.65
N ALA B 60 -1.18 7.15 13.20
CA ALA B 60 -0.22 6.28 12.53
C ALA B 60 -0.19 6.74 11.08
N ALA B 61 0.75 7.62 10.77
CA ALA B 61 0.91 8.15 9.42
C ALA B 61 0.86 6.97 8.45
N GLN B 62 1.82 6.07 8.58
CA GLN B 62 1.89 4.90 7.74
C GLN B 62 1.18 3.69 8.36
N THR B 63 0.04 3.32 7.79
CA THR B 63 -0.70 2.14 8.23
C THR B 63 -0.53 1.05 7.15
N ILE B 64 -0.79 -0.19 7.49
CA ILE B 64 -0.61 -1.27 6.52
C ILE B 64 -1.47 -2.47 6.87
N VAL B 65 -2.49 -2.73 6.07
CA VAL B 65 -3.39 -3.84 6.32
C VAL B 65 -3.07 -5.02 5.42
N ALA B 66 -2.87 -6.19 6.04
CA ALA B 66 -2.56 -7.43 5.33
C ALA B 66 -3.72 -8.38 5.47
N SER B 67 -3.92 -9.18 4.44
CA SER B 67 -5.00 -10.15 4.43
C SER B 67 -4.53 -11.43 3.77
N GLN B 68 -5.50 -12.30 3.49
CA GLN B 68 -5.25 -13.59 2.85
C GLN B 68 -4.94 -13.46 1.38
N GLN B 69 -5.53 -12.46 0.72
CA GLN B 69 -5.31 -12.28 -0.69
C GLN B 69 -4.43 -11.11 -1.12
N ARG B 70 -4.51 -10.02 -0.38
CA ARG B 70 -3.75 -8.80 -0.71
C ARG B 70 -3.38 -7.98 0.51
N TRP B 71 -2.37 -7.13 0.37
CA TRP B 71 -1.94 -6.25 1.44
C TRP B 71 -1.74 -4.80 0.98
N ALA B 72 -2.35 -3.87 1.70
CA ALA B 72 -2.25 -2.46 1.37
C ALA B 72 -1.28 -1.72 2.29
N LEU B 73 -0.78 -0.60 1.80
CA LEU B 73 0.14 0.22 2.57
C LEU B 73 -0.24 1.68 2.32
N MSE B 74 -0.74 2.32 3.37
CA MSE B 74 -1.14 3.72 3.28
C MSE B 74 -0.05 4.61 3.87
O MSE B 74 0.61 4.23 4.84
CB MSE B 74 -2.45 3.95 4.02
CG MSE B 74 -3.03 5.32 3.80
SE MSE B 74 -3.58 5.67 1.94
CE MSE B 74 -5.49 5.32 2.13
N THR B 75 0.14 5.78 3.29
CA THR B 75 1.16 6.72 3.75
C THR B 75 0.65 8.14 3.62
N GLU B 76 0.29 8.74 4.75
CA GLU B 76 -0.23 10.10 4.80
C GLU B 76 0.84 11.13 4.50
N THR B 77 0.45 12.14 3.73
CA THR B 77 1.36 13.22 3.35
C THR B 77 0.71 14.59 3.30
N PRO B 78 0.06 15.04 4.38
CA PRO B 78 -0.54 16.38 4.27
C PRO B 78 0.61 17.39 4.17
N ASP B 79 1.81 16.86 3.95
CA ASP B 79 3.02 17.67 3.80
C ASP B 79 2.69 18.76 2.79
N GLU B 80 2.45 18.33 1.55
CA GLU B 80 2.13 19.20 0.41
C GLU B 80 2.47 18.46 -0.89
N GLU B 81 2.74 17.17 -0.78
CA GLU B 81 3.20 16.41 -1.92
C GLU B 81 2.47 15.21 -2.52
N GLU B 82 3.32 14.31 -3.01
CA GLU B 82 3.03 13.04 -3.67
C GLU B 82 2.64 13.13 -5.13
N LEU B 83 3.66 13.44 -5.93
CA LEU B 83 3.56 13.58 -7.35
C LEU B 83 4.84 12.95 -7.95
N ASP B 84 5.94 13.03 -7.19
CA ASP B 84 7.20 12.46 -7.65
C ASP B 84 7.00 10.98 -7.99
N LEU B 85 7.26 10.59 -9.24
CA LEU B 85 7.12 9.19 -9.63
C LEU B 85 8.30 8.37 -9.12
N GLN B 86 9.50 8.72 -9.61
CA GLN B 86 10.73 8.03 -9.24
C GLN B 86 10.78 7.51 -7.80
N PHE B 87 10.07 8.18 -6.90
CA PHE B 87 10.03 7.78 -5.50
C PHE B 87 8.92 6.75 -5.34
N LEU B 88 7.72 7.07 -5.80
CA LEU B 88 6.62 6.13 -5.70
C LEU B 88 7.03 4.79 -6.34
N ALA B 89 8.06 4.84 -7.19
CA ALA B 89 8.59 3.65 -7.85
C ALA B 89 9.37 2.81 -6.85
N SER B 90 10.46 3.38 -6.34
CA SER B 90 11.32 2.73 -5.37
C SER B 90 10.53 2.09 -4.24
N ARG B 91 9.29 2.56 -4.08
CA ARG B 91 8.42 2.05 -3.04
C ARG B 91 7.90 0.66 -3.38
N MSE B 92 7.70 0.37 -4.67
CA MSE B 92 7.20 -0.91 -5.12
C MSE B 92 8.22 -2.01 -5.08
O MSE B 92 9.43 -1.76 -5.11
CB MSE B 92 6.67 -0.81 -6.56
CG MSE B 92 5.39 -0.04 -6.68
SE MSE B 92 4.88 0.28 -8.55
CE MSE B 92 6.73 0.49 -9.19
N ASP B 93 7.74 -3.24 -5.00
CA ASP B 93 8.62 -4.39 -5.00
C ASP B 93 8.87 -4.67 -6.48
N THR B 94 9.82 -3.93 -7.04
CA THR B 94 10.17 -4.00 -8.45
C THR B 94 10.91 -5.26 -8.92
N SER B 95 11.18 -6.19 -8.02
CA SER B 95 11.85 -7.41 -8.43
C SER B 95 10.80 -8.37 -9.02
N LYS B 96 9.54 -8.04 -8.78
CA LYS B 96 8.40 -8.82 -9.25
C LYS B 96 7.68 -8.02 -10.35
N LEU B 97 8.42 -7.11 -10.98
CA LEU B 97 7.86 -6.26 -12.04
C LEU B 97 8.81 -6.13 -13.23
N ASP B 98 8.23 -6.00 -14.42
CA ASP B 98 9.03 -5.89 -15.64
C ASP B 98 8.83 -4.56 -16.30
N LEU B 99 7.63 -4.01 -16.12
CA LEU B 99 7.28 -2.75 -16.73
C LEU B 99 6.27 -2.06 -15.83
N ILE B 100 6.52 -0.77 -15.57
CA ILE B 100 5.64 0.01 -14.72
C ILE B 100 4.81 0.97 -15.56
N LEU B 101 3.49 0.77 -15.56
CA LEU B 101 2.59 1.65 -16.29
C LEU B 101 2.34 2.90 -15.46
N VAL B 102 2.45 4.07 -16.10
CA VAL B 102 2.26 5.38 -15.44
C VAL B 102 1.07 6.19 -15.97
N GLU B 103 -0.03 6.23 -15.23
CA GLU B 103 -1.20 6.98 -15.67
C GLU B 103 -1.56 8.11 -14.71
N GLY B 104 -2.01 9.24 -15.25
CA GLY B 104 -2.41 10.36 -14.41
C GLY B 104 -1.48 11.57 -14.24
N PHE B 105 -0.20 11.30 -14.02
CA PHE B 105 0.78 12.36 -13.82
C PHE B 105 0.99 13.18 -15.08
N LYS B 106 0.61 14.46 -15.01
CA LYS B 106 0.78 15.35 -16.16
C LYS B 106 2.11 16.09 -16.07
N HIS B 107 2.71 16.35 -17.23
CA HIS B 107 3.99 17.07 -17.32
C HIS B 107 5.21 16.23 -16.88
N GLU B 108 5.40 15.08 -17.51
CA GLU B 108 6.54 14.21 -17.20
C GLU B 108 7.33 13.77 -18.42
N GLU B 109 8.63 13.61 -18.25
CA GLU B 109 9.53 13.21 -19.34
C GLU B 109 9.80 11.71 -19.39
N ILE B 110 8.77 10.96 -19.76
CA ILE B 110 8.85 9.50 -19.90
C ILE B 110 8.07 9.13 -21.18
N ALA B 111 8.42 8.00 -21.78
CA ALA B 111 7.73 7.56 -23.00
C ALA B 111 6.23 7.67 -22.76
N LYS B 112 5.51 8.20 -23.74
CA LYS B 112 4.08 8.38 -23.60
C LYS B 112 3.31 7.81 -24.80
N ILE B 113 2.10 7.31 -24.56
CA ILE B 113 1.28 6.75 -25.63
C ILE B 113 -0.08 7.40 -25.53
N VAL B 114 -0.43 8.19 -26.54
CA VAL B 114 -1.71 8.88 -26.54
C VAL B 114 -2.92 7.95 -26.63
N LEU B 115 -4.06 8.43 -27.09
CA LEU B 115 -5.26 7.59 -27.15
C LEU B 115 -6.44 8.37 -27.72
N PHE B 116 -6.81 8.13 -28.99
CA PHE B 116 -7.94 8.82 -29.63
C PHE B 116 -9.14 7.91 -29.89
N ARG B 117 -10.33 8.42 -29.61
CA ARG B 117 -11.57 7.66 -29.84
C ARG B 117 -12.66 8.67 -30.16
N ASP B 118 -12.80 9.01 -31.44
CA ASP B 118 -13.78 10.00 -31.88
C ASP B 118 -15.23 9.78 -31.45
N GLY B 119 -16.05 10.81 -31.67
CA GLY B 119 -17.44 10.79 -31.29
C GLY B 119 -17.55 11.58 -29.98
N ALA B 120 -17.13 10.90 -28.90
CA ALA B 120 -17.09 11.50 -27.56
C ALA B 120 -15.76 12.30 -27.49
N GLY B 121 -15.84 13.59 -27.85
CA GLY B 121 -14.66 14.44 -27.85
C GLY B 121 -14.53 15.22 -29.16
N HIS B 122 -13.34 15.79 -29.35
CA HIS B 122 -13.04 16.61 -30.52
C HIS B 122 -12.54 15.89 -31.79
N ARG B 123 -11.72 16.63 -32.54
CA ARG B 123 -11.13 16.22 -33.82
C ARG B 123 -9.60 16.10 -33.69
N PRO B 124 -8.95 15.38 -34.65
CA PRO B 124 -7.49 15.12 -34.74
C PRO B 124 -6.46 16.25 -34.42
N GLU B 125 -5.20 16.00 -34.82
CA GLU B 125 -4.05 16.90 -34.63
C GLU B 125 -3.83 17.28 -33.17
N GLU B 126 -4.87 17.02 -32.37
CA GLU B 126 -4.85 17.28 -30.94
C GLU B 126 -3.96 16.19 -30.36
N LEU B 127 -2.70 16.53 -30.12
CA LEU B 127 -1.73 15.58 -29.58
C LEU B 127 -0.33 16.15 -29.47
N VAL B 128 -0.08 16.95 -28.45
CA VAL B 128 1.25 17.51 -28.31
C VAL B 128 2.25 16.36 -28.32
N ILE B 129 2.72 16.00 -29.51
CA ILE B 129 3.67 14.93 -29.67
C ILE B 129 4.98 15.36 -29.02
N ASP B 130 5.02 15.24 -27.70
CA ASP B 130 6.21 15.60 -26.94
C ASP B 130 7.37 14.88 -27.61
N ARG B 131 8.59 15.34 -27.35
CA ARG B 131 9.77 14.68 -27.91
C ARG B 131 9.91 13.34 -27.18
N HIS B 132 8.78 12.84 -26.69
CA HIS B 132 8.70 11.58 -25.95
C HIS B 132 7.63 10.63 -26.49
N VAL B 133 6.46 11.15 -26.89
CA VAL B 133 5.39 10.30 -27.40
C VAL B 133 5.91 9.33 -28.44
N ILE B 134 5.55 8.06 -28.30
CA ILE B 134 6.01 7.02 -29.23
C ILE B 134 4.93 6.22 -29.94
N ALA B 135 3.72 6.79 -30.06
CA ALA B 135 2.62 6.12 -30.75
C ALA B 135 1.25 6.56 -30.29
N VAL B 136 0.33 6.76 -31.23
CA VAL B 136 -1.02 7.15 -30.88
C VAL B 136 -1.86 5.91 -31.08
N ALA B 137 -3.04 5.86 -30.50
CA ALA B 137 -3.88 4.71 -30.66
C ALA B 137 -5.28 5.18 -30.98
N SER B 138 -5.55 5.37 -32.27
CA SER B 138 -6.85 5.84 -32.73
C SER B 138 -7.82 4.75 -33.16
N ASP B 139 -9.07 5.16 -33.43
CA ASP B 139 -10.13 4.26 -33.91
C ASP B 139 -10.60 4.82 -35.24
N VAL B 140 -9.74 5.64 -35.83
CA VAL B 140 -9.95 6.32 -37.10
C VAL B 140 -8.55 6.68 -37.59
N PRO B 141 -8.23 6.37 -38.85
CA PRO B 141 -6.91 6.66 -39.42
C PRO B 141 -6.44 8.09 -39.20
N LEU B 142 -5.17 8.32 -39.50
CA LEU B 142 -4.56 9.64 -39.40
C LEU B 142 -3.06 9.61 -39.44
N ASN B 143 -2.48 10.72 -39.90
CA ASN B 143 -1.04 10.87 -40.04
C ASN B 143 -0.28 11.03 -38.76
N LEU B 144 1.03 11.08 -38.90
CA LEU B 144 1.96 11.25 -37.79
C LEU B 144 3.38 11.19 -38.31
N ASP B 145 4.31 10.94 -37.40
CA ASP B 145 5.72 10.80 -37.70
C ASP B 145 6.18 9.81 -36.65
N VAL B 146 5.19 9.17 -36.03
CA VAL B 146 5.39 8.18 -34.99
C VAL B 146 4.36 7.06 -35.17
N ALA B 147 4.70 5.88 -34.68
CA ALA B 147 3.81 4.72 -34.80
C ALA B 147 2.34 5.08 -34.58
N LEU B 148 1.45 4.29 -35.19
CA LEU B 148 0.01 4.50 -35.05
C LEU B 148 -0.63 3.10 -34.96
N LEU B 149 -1.43 2.89 -33.91
CA LEU B 149 -2.07 1.59 -33.71
C LEU B 149 -3.58 1.69 -33.68
N ASP B 150 -4.25 0.55 -33.77
CA ASP B 150 -5.69 0.54 -33.74
C ASP B 150 -6.12 0.30 -32.31
N ILE B 151 -6.68 1.34 -31.70
CA ILE B 151 -7.15 1.30 -30.32
C ILE B 151 -8.23 0.22 -30.14
N ASN B 152 -8.18 -0.82 -30.96
CA ASN B 152 -9.15 -1.90 -30.83
C ASN B 152 -8.45 -3.24 -30.90
N ASP B 153 -7.17 -3.21 -31.26
CA ASP B 153 -6.38 -4.42 -31.32
C ASP B 153 -5.47 -4.45 -30.11
N VAL B 154 -6.01 -4.90 -28.99
CA VAL B 154 -5.22 -4.97 -27.76
C VAL B 154 -3.94 -5.74 -28.06
N GLU B 155 -4.12 -6.87 -28.76
CA GLU B 155 -3.03 -7.75 -29.13
C GLU B 155 -1.84 -7.05 -29.78
N GLY B 156 -2.12 -6.34 -30.86
CA GLY B 156 -1.05 -5.65 -31.55
C GLY B 156 -0.42 -4.63 -30.63
N LEU B 157 -1.28 -3.86 -29.95
CA LEU B 157 -0.82 -2.85 -28.99
C LEU B 157 0.12 -3.53 -27.99
N ALA B 158 -0.35 -4.64 -27.42
CA ALA B 158 0.44 -5.37 -26.47
C ALA B 158 1.79 -5.69 -27.10
N ASP B 159 1.75 -6.08 -28.37
CA ASP B 159 2.97 -6.43 -29.08
C ASP B 159 3.89 -5.26 -29.38
N PHE B 160 3.34 -4.15 -29.85
CA PHE B 160 4.17 -2.99 -30.11
C PHE B 160 4.91 -2.63 -28.82
N VAL B 161 4.15 -2.57 -27.73
CA VAL B 161 4.69 -2.25 -26.43
C VAL B 161 5.88 -3.17 -26.16
N VAL B 162 5.59 -4.46 -25.99
CA VAL B 162 6.64 -5.42 -25.71
C VAL B 162 7.84 -5.12 -26.59
N GLU B 163 7.57 -4.78 -27.84
CA GLU B 163 8.65 -4.46 -28.76
C GLU B 163 9.45 -3.32 -28.16
N TRP B 164 8.85 -2.14 -28.15
CA TRP B 164 9.47 -0.95 -27.58
C TRP B 164 10.40 -1.35 -26.44
N MSE B 165 9.86 -2.07 -25.47
CA MSE B 165 10.64 -2.51 -24.31
C MSE B 165 11.98 -3.10 -24.72
O MSE B 165 13.03 -2.48 -24.51
CB MSE B 165 9.86 -3.54 -23.50
CG MSE B 165 8.62 -3.01 -22.80
SE MSE B 165 7.79 -4.37 -21.68
CE MSE B 165 9.43 -5.02 -20.82
N GLN B 166 11.95 -4.28 -25.30
CA GLN B 166 13.17 -4.97 -25.72
C GLN B 166 14.10 -4.12 -26.56
N LYS B 167 13.66 -2.94 -26.98
CA LYS B 167 14.51 -2.05 -27.76
C LYS B 167 14.84 -0.81 -26.93
N GLN B 168 15.59 -1.04 -25.86
CA GLN B 168 16.06 -0.04 -24.90
C GLN B 168 16.71 -1.00 -23.94
N ASN B 169 15.98 -2.09 -23.70
CA ASN B 169 16.45 -3.18 -22.86
C ASN B 169 17.22 -4.06 -23.84
S SO4 C . -10.73 -7.14 19.57
O1 SO4 C . -9.77 -8.24 19.78
O2 SO4 C . -10.79 -6.32 20.80
O3 SO4 C . -12.07 -7.69 19.30
O4 SO4 C . -10.31 -6.28 18.45
S SO4 D . -10.55 7.62 -16.86
O1 SO4 D . -9.56 8.03 -15.84
O2 SO4 D . -11.25 6.38 -16.42
O3 SO4 D . -9.84 7.37 -18.14
O4 SO4 D . -11.55 8.70 -17.06
#